data_6RA8
#
_entry.id   6RA8
#
_cell.length_a   180.873
_cell.length_b   180.873
_cell.length_c   180.873
_cell.angle_alpha   90.00
_cell.angle_beta   90.00
_cell.angle_gamma   90.00
#
_symmetry.space_group_name_H-M   'F 4 3 2'
#
loop_
_entity.id
_entity.type
_entity.pdbx_description
1 polymer 'Ferritin light chain'
2 non-polymer 'CADMIUM ION'
3 non-polymer ARGON
4 non-polymer 'SULFATE ION'
5 water water
#
_entity_poly.entity_id   1
_entity_poly.type   'polypeptide(L)'
_entity_poly.pdbx_seq_one_letter_code
;SSQIRQNYSTEVEAAVNRLVNLYLRASYTYLSLGFYFDRDDVALEGV(CSO)HFFRELAEEKREGAERLLKMQNQRGGRA
LFQDLQKPSQDEWGTTLDAMKAAIVLEKSLNQALLDLHALGSAQADPHLCDFLESHFLDEEVKLIKKMGDHLTNIQRLVG
SQAGLGEYLFERLTLKH
;
_entity_poly.pdbx_strand_id   A
#
loop_
_chem_comp.id
_chem_comp.type
_chem_comp.name
_chem_comp.formula
AR non-polymer ARGON Ar
CD non-polymer 'CADMIUM ION' 'Cd 2'
SO4 non-polymer 'SULFATE ION' 'O4 S -2'
#
# COMPACT_ATOMS: atom_id res chain seq x y z
N SER A 1 29.84 -3.86 9.64
CA SER A 1 30.92 -4.87 9.92
C SER A 1 30.45 -6.27 9.49
N SER A 2 29.37 -6.31 8.70
CA SER A 2 28.83 -7.53 8.14
C SER A 2 29.88 -8.20 7.23
N GLN A 3 29.90 -9.53 7.24
CA GLN A 3 30.75 -10.31 6.34
C GLN A 3 30.25 -10.20 4.89
N ILE A 4 28.96 -9.95 4.68
CA ILE A 4 28.45 -10.11 3.31
C ILE A 4 28.25 -8.73 2.67
N ARG A 5 28.15 -7.70 3.51
CA ARG A 5 27.58 -6.43 3.10
C ARG A 5 28.50 -5.82 2.04
N GLN A 6 27.94 -5.37 0.92
CA GLN A 6 28.78 -4.89 -0.18
C GLN A 6 27.95 -3.93 -1.02
N ASN A 7 28.47 -2.71 -1.17
CA ASN A 7 27.83 -1.68 -1.96
C ASN A 7 26.46 -1.33 -1.37
N TYR A 8 26.31 -1.46 -0.05
CA TYR A 8 25.01 -1.20 0.56
C TYR A 8 25.13 -0.05 1.57
N SER A 9 24.77 1.17 1.15
CA SER A 9 24.99 2.34 1.99
C SER A 9 24.10 2.31 3.24
N THR A 10 24.54 3.03 4.27
CA THR A 10 23.79 3.26 5.49
C THR A 10 22.53 4.06 5.15
N GLU A 11 22.61 4.93 4.14
CA GLU A 11 21.50 5.79 3.76
C GLU A 11 20.36 4.94 3.19
N VAL A 12 20.71 4.00 2.32
CA VAL A 12 19.72 3.10 1.75
C VAL A 12 19.15 2.20 2.86
N GLU A 13 20.02 1.65 3.71
CA GLU A 13 19.58 0.81 4.81
C GLU A 13 18.51 1.54 5.65
N ALA A 14 18.78 2.79 6.01
CA ALA A 14 17.84 3.56 6.82
C ALA A 14 16.52 3.77 6.08
N ALA A 15 16.61 4.09 4.78
CA ALA A 15 15.42 4.39 3.99
C ALA A 15 14.58 3.13 3.84
N VAL A 16 15.25 1.98 3.71
CA VAL A 16 14.53 0.71 3.62
C VAL A 16 13.74 0.53 4.91
N ASN A 17 14.36 0.81 6.08
CA ASN A 17 13.64 0.63 7.34
C ASN A 17 12.41 1.55 7.40
N ARG A 18 12.56 2.79 6.93
CA ARG A 18 11.42 3.70 6.95
C ARG A 18 10.30 3.19 6.04
N LEU A 19 10.67 2.66 4.88
CA LEU A 19 9.69 2.16 3.93
C LEU A 19 8.93 0.97 4.52
N VAL A 20 9.64 0.09 5.23
CA VAL A 20 8.97 -1.02 5.90
C VAL A 20 7.87 -0.47 6.81
N ASN A 21 8.21 0.58 7.58
CA ASN A 21 7.24 1.17 8.49
C ASN A 21 6.03 1.67 7.70
N LEU A 22 6.29 2.31 6.55
CA LEU A 22 5.20 2.86 5.75
CA LEU A 22 5.20 2.85 5.73
C LEU A 22 4.30 1.73 5.23
N TYR A 23 4.90 0.59 4.87
CA TYR A 23 4.10 -0.48 4.30
C TYR A 23 3.27 -1.16 5.39
N LEU A 24 3.88 -1.34 6.59
CA LEU A 24 3.11 -1.90 7.69
C LEU A 24 1.99 -0.92 8.09
N ARG A 25 2.27 0.38 8.04
CA ARG A 25 1.24 1.37 8.33
C ARG A 25 0.06 1.19 7.39
N ALA A 26 0.38 1.01 6.09
CA ALA A 26 -0.61 0.86 5.05
C ALA A 26 -1.41 -0.44 5.28
N SER A 27 -0.72 -1.51 5.65
CA SER A 27 -1.40 -2.75 5.99
C SER A 27 -2.42 -2.51 7.09
N TYR A 28 -2.01 -1.81 8.15
CA TYR A 28 -2.86 -1.47 9.29
C TYR A 28 -4.07 -0.66 8.82
N THR A 29 -3.85 0.30 7.93
CA THR A 29 -4.95 1.10 7.38
C THR A 29 -5.98 0.19 6.70
N TYR A 30 -5.50 -0.75 5.87
CA TYR A 30 -6.40 -1.61 5.12
C TYR A 30 -7.17 -2.55 6.05
N LEU A 31 -6.51 -3.07 7.09
CA LEU A 31 -7.18 -3.87 8.12
C LEU A 31 -8.38 -3.11 8.69
N SER A 32 -8.18 -1.82 9.00
CA SER A 32 -9.23 -0.97 9.55
C SER A 32 -10.34 -0.73 8.54
N LEU A 33 -9.95 -0.42 7.28
CA LEU A 33 -10.94 -0.23 6.23
C LEU A 33 -11.79 -1.49 6.07
N GLY A 34 -11.13 -2.66 6.01
CA GLY A 34 -11.81 -3.96 5.92
C GLY A 34 -12.87 -4.15 7.00
N PHE A 35 -12.48 -3.98 8.27
CA PHE A 35 -13.43 -4.27 9.32
C PHE A 35 -14.54 -3.22 9.36
N TYR A 36 -14.26 -1.99 8.88
CA TYR A 36 -15.32 -0.99 8.82
C TYR A 36 -16.44 -1.43 7.87
N PHE A 37 -16.06 -1.99 6.72
CA PHE A 37 -17.05 -2.36 5.72
C PHE A 37 -17.76 -3.66 6.12
N ASP A 38 -17.29 -4.27 7.20
CA ASP A 38 -17.86 -5.50 7.73
C ASP A 38 -18.84 -5.18 8.88
N ARG A 39 -18.92 -3.91 9.30
CA ARG A 39 -19.89 -3.53 10.31
C ARG A 39 -21.32 -3.77 9.83
N ASP A 40 -22.21 -4.11 10.78
CA ASP A 40 -23.56 -4.51 10.40
C ASP A 40 -24.29 -3.29 9.81
N ASP A 41 -23.82 -2.08 10.17
CA ASP A 41 -24.47 -0.86 9.71
C ASP A 41 -23.77 -0.31 8.46
N VAL A 42 -22.90 -1.10 7.84
CA VAL A 42 -22.23 -0.68 6.62
C VAL A 42 -22.41 -1.79 5.59
N ALA A 43 -21.97 -3.01 5.97
CA ALA A 43 -22.35 -4.27 5.33
C ALA A 43 -22.14 -4.24 3.81
N LEU A 44 -20.88 -4.06 3.40
CA LEU A 44 -20.52 -4.14 2.00
C LEU A 44 -19.40 -5.16 1.85
N GLU A 45 -19.78 -6.45 1.78
CA GLU A 45 -18.84 -7.55 1.88
C GLU A 45 -17.76 -7.45 0.79
N GLY A 46 -18.13 -7.06 -0.42
CA GLY A 46 -17.14 -6.99 -1.50
C GLY A 46 -16.11 -5.88 -1.24
N VAL A 47 -16.53 -4.82 -0.55
CA VAL A 47 -15.62 -3.73 -0.24
C VAL A 47 -14.68 -4.19 0.89
N CSO A 48 -15.25 -4.84 1.91
CA CSO A 48 -14.42 -5.45 2.93
CB CSO A 48 -15.28 -6.25 3.89
SG CSO A 48 -14.35 -7.23 5.10
C CSO A 48 -13.35 -6.36 2.30
O CSO A 48 -12.17 -6.31 2.66
OD CSO A 48 -14.00 -8.77 4.49
N HIS A 49 -13.77 -7.22 1.36
CA HIS A 49 -12.87 -8.18 0.76
C HIS A 49 -11.72 -7.50 0.00
N PHE A 50 -12.06 -6.44 -0.77
CA PHE A 50 -11.08 -5.64 -1.50
C PHE A 50 -10.01 -5.12 -0.53
N PHE A 51 -10.41 -4.55 0.60
CA PHE A 51 -9.43 -3.96 1.52
C PHE A 51 -8.66 -5.02 2.30
N ARG A 52 -9.31 -6.14 2.67
CA ARG A 52 -8.60 -7.18 3.42
C ARG A 52 -7.48 -7.77 2.56
N GLU A 53 -7.73 -7.91 1.25
CA GLU A 53 -6.71 -8.43 0.35
C GLU A 53 -5.55 -7.43 0.20
N LEU A 54 -5.85 -6.13 0.24
CA LEU A 54 -4.81 -5.11 0.24
C LEU A 54 -4.00 -5.13 1.53
N ALA A 55 -4.63 -5.41 2.67
CA ALA A 55 -3.87 -5.48 3.91
C ALA A 55 -2.78 -6.54 3.79
N GLU A 56 -3.13 -7.70 3.22
CA GLU A 56 -2.21 -8.83 3.06
C GLU A 56 -1.07 -8.44 2.12
N GLU A 57 -1.43 -7.80 1.00
CA GLU A 57 -0.46 -7.41 -0.01
C GLU A 57 0.58 -6.45 0.58
N LYS A 58 0.13 -5.48 1.37
CA LYS A 58 1.06 -4.51 1.95
C LYS A 58 1.97 -5.19 2.96
N ARG A 59 1.42 -6.09 3.76
CA ARG A 59 2.22 -6.85 4.70
C ARG A 59 3.31 -7.63 3.96
N GLU A 60 2.94 -8.21 2.80
CA GLU A 60 3.87 -9.04 2.05
C GLU A 60 4.97 -8.15 1.49
N GLY A 61 4.59 -6.94 1.06
CA GLY A 61 5.54 -5.93 0.65
C GLY A 61 6.59 -5.67 1.72
N ALA A 62 6.13 -5.39 2.96
CA ALA A 62 7.05 -5.13 4.06
C ALA A 62 8.02 -6.29 4.28
N GLU A 63 7.49 -7.52 4.30
CA GLU A 63 8.27 -8.72 4.53
C GLU A 63 9.30 -8.91 3.42
N ARG A 64 8.94 -8.55 2.18
CA ARG A 64 9.86 -8.63 1.05
C ARG A 64 11.02 -7.66 1.25
N LEU A 65 10.71 -6.43 1.68
CA LEU A 65 11.74 -5.45 2.01
C LEU A 65 12.67 -5.97 3.10
N LEU A 66 12.10 -6.58 4.15
CA LEU A 66 12.93 -7.03 5.27
C LEU A 66 13.86 -8.16 4.84
N LYS A 67 13.35 -9.07 4.02
CA LYS A 67 14.15 -10.19 3.55
C LYS A 67 15.36 -9.65 2.79
N MET A 68 15.09 -8.65 1.93
CA MET A 68 16.11 -8.04 1.10
C MET A 68 17.15 -7.33 1.98
N GLN A 69 16.67 -6.60 2.98
CA GLN A 69 17.53 -5.94 3.96
C GLN A 69 18.54 -6.96 4.51
N ASN A 70 18.04 -8.14 4.89
CA ASN A 70 18.90 -9.18 5.43
C ASN A 70 19.84 -9.71 4.33
N GLN A 71 19.32 -9.84 3.11
CA GLN A 71 20.14 -10.42 2.05
C GLN A 71 21.35 -9.52 1.79
N ARG A 72 21.18 -8.20 1.96
CA ARG A 72 22.24 -7.25 1.69
C ARG A 72 23.11 -7.03 2.93
N GLY A 73 22.70 -7.54 4.08
CA GLY A 73 23.58 -7.43 5.24
C GLY A 73 23.21 -6.20 6.07
N GLY A 74 22.04 -5.61 5.77
CA GLY A 74 21.56 -4.50 6.59
C GLY A 74 20.85 -5.03 7.83
N ARG A 75 20.49 -4.12 8.76
CA ARG A 75 19.83 -4.56 9.97
C ARG A 75 18.44 -3.97 10.03
N ALA A 76 17.43 -4.85 10.07
CA ALA A 76 16.05 -4.39 10.24
C ALA A 76 15.98 -3.61 11.55
N LEU A 77 15.30 -2.47 11.54
CA LEU A 77 14.96 -1.78 12.77
C LEU A 77 13.49 -1.36 12.69
N PHE A 78 12.72 -1.75 13.72
CA PHE A 78 11.29 -1.52 13.71
C PHE A 78 11.00 -0.33 14.62
N GLN A 79 9.98 0.44 14.24
CA GLN A 79 9.51 1.59 14.99
C GLN A 79 8.03 1.41 15.28
N ASP A 80 7.51 2.28 16.17
CA ASP A 80 6.10 2.28 16.48
C ASP A 80 5.30 2.36 15.18
N LEU A 81 4.13 1.73 15.19
CA LEU A 81 3.24 1.81 14.05
C LEU A 81 2.06 2.70 14.41
N GLN A 82 1.95 3.81 13.71
CA GLN A 82 0.86 4.73 13.98
C GLN A 82 -0.46 4.17 13.45
N LYS A 83 -1.51 4.46 14.22
CA LYS A 83 -2.83 3.92 13.89
C LYS A 83 -3.31 4.60 12.62
N PRO A 84 -4.31 4.02 11.95
CA PRO A 84 -4.84 4.58 10.71
C PRO A 84 -5.38 5.99 10.95
N SER A 85 -5.55 6.75 9.87
CA SER A 85 -5.89 8.17 9.98
C SER A 85 -7.36 8.40 10.36
N GLN A 86 -8.23 7.40 10.16
CA GLN A 86 -9.65 7.56 10.46
C GLN A 86 -10.11 6.31 11.22
N ASP A 87 -11.16 6.46 12.04
CA ASP A 87 -11.80 5.34 12.72
C ASP A 87 -13.03 4.83 11.95
N GLU A 88 -13.65 5.71 11.19
CA GLU A 88 -14.83 5.46 10.32
C GLU A 88 -14.44 5.94 8.92
N TRP A 89 -14.79 5.18 7.87
CA TRP A 89 -14.29 5.50 6.51
C TRP A 89 -15.37 6.02 5.53
N GLY A 90 -16.58 6.27 6.02
CA GLY A 90 -17.64 6.90 5.24
C GLY A 90 -18.13 6.00 4.10
N THR A 91 -18.19 6.54 2.88
CA THR A 91 -18.76 5.77 1.78
C THR A 91 -17.65 4.96 1.11
N THR A 92 -18.04 4.04 0.21
CA THR A 92 -17.06 3.38 -0.63
C THR A 92 -16.22 4.39 -1.40
N LEU A 93 -16.86 5.45 -1.90
CA LEU A 93 -16.19 6.55 -2.61
C LEU A 93 -15.10 7.17 -1.72
N ASP A 94 -15.46 7.56 -0.49
CA ASP A 94 -14.52 8.14 0.46
C ASP A 94 -13.34 7.22 0.70
N ALA A 95 -13.64 5.94 0.95
CA ALA A 95 -12.62 4.94 1.20
C ALA A 95 -11.67 4.82 0.01
N MET A 96 -12.22 4.73 -1.20
CA MET A 96 -11.40 4.50 -2.38
C MET A 96 -10.51 5.71 -2.66
N LYS A 97 -11.02 6.92 -2.39
CA LYS A 97 -10.23 8.15 -2.46
C LYS A 97 -9.08 8.10 -1.44
N ALA A 98 -9.37 7.69 -0.20
CA ALA A 98 -8.34 7.59 0.82
C ALA A 98 -7.30 6.54 0.42
N ALA A 99 -7.74 5.42 -0.20
CA ALA A 99 -6.87 4.35 -0.62
C ALA A 99 -5.90 4.86 -1.70
N ILE A 100 -6.38 5.70 -2.62
CA ILE A 100 -5.51 6.14 -3.70
C ILE A 100 -4.46 7.14 -3.17
N VAL A 101 -4.88 8.01 -2.25
CA VAL A 101 -3.93 8.90 -1.58
C VAL A 101 -2.82 8.09 -0.92
N LEU A 102 -3.21 7.02 -0.25
CA LEU A 102 -2.26 6.19 0.46
C LEU A 102 -1.27 5.52 -0.49
N GLU A 103 -1.79 4.94 -1.57
CA GLU A 103 -0.93 4.24 -2.52
C GLU A 103 0.02 5.20 -3.24
N LYS A 104 -0.45 6.40 -3.59
CA LYS A 104 0.41 7.42 -4.16
C LYS A 104 1.55 7.79 -3.21
N SER A 105 1.26 7.86 -1.89
CA SER A 105 2.26 8.11 -0.87
CA SER A 105 2.31 8.13 -0.92
C SER A 105 3.31 6.99 -0.87
N LEU A 106 2.83 5.74 -0.95
CA LEU A 106 3.76 4.63 -0.96
C LEU A 106 4.61 4.71 -2.21
N ASN A 107 3.96 4.95 -3.36
CA ASN A 107 4.62 4.99 -4.65
C ASN A 107 5.74 6.03 -4.65
N GLN A 108 5.46 7.21 -4.10
CA GLN A 108 6.42 8.30 -4.11
C GLN A 108 7.62 7.90 -3.22
N ALA A 109 7.32 7.15 -2.17
CA ALA A 109 8.37 6.68 -1.27
C ALA A 109 9.27 5.68 -2.00
N LEU A 110 8.65 4.77 -2.77
CA LEU A 110 9.42 3.86 -3.60
C LEU A 110 10.27 4.64 -4.61
N LEU A 111 9.69 5.64 -5.25
CA LEU A 111 10.41 6.43 -6.23
C LEU A 111 11.58 7.16 -5.55
N ASP A 112 11.34 7.75 -4.38
CA ASP A 112 12.41 8.38 -3.63
C ASP A 112 13.55 7.40 -3.31
N LEU A 113 13.22 6.18 -2.88
CA LEU A 113 14.23 5.18 -2.59
C LEU A 113 15.00 4.76 -3.85
N HIS A 114 14.28 4.62 -4.96
CA HIS A 114 14.93 4.32 -6.23
C HIS A 114 15.95 5.42 -6.56
N ALA A 115 15.58 6.69 -6.35
CA ALA A 115 16.46 7.80 -6.69
C ALA A 115 17.71 7.75 -5.80
N LEU A 116 17.54 7.39 -4.52
CA LEU A 116 18.64 7.28 -3.58
C LEU A 116 19.55 6.13 -4.02
N GLY A 117 18.95 5.01 -4.42
CA GLY A 117 19.73 3.87 -4.91
C GLY A 117 20.55 4.24 -6.14
N SER A 118 19.94 5.00 -7.05
CA SER A 118 20.61 5.47 -8.24
CA SER A 118 20.59 5.51 -8.25
C SER A 118 21.79 6.36 -7.87
N ALA A 119 21.57 7.34 -6.97
CA ALA A 119 22.62 8.26 -6.52
C ALA A 119 23.78 7.50 -5.85
N GLN A 120 23.45 6.44 -5.11
CA GLN A 120 24.44 5.66 -4.38
C GLN A 120 25.05 4.62 -5.31
N ALA A 121 24.55 4.53 -6.56
CA ALA A 121 25.02 3.52 -7.50
C ALA A 121 24.82 2.10 -6.94
N ASP A 122 23.57 1.76 -6.62
CA ASP A 122 23.23 0.47 -6.03
C ASP A 122 22.25 -0.23 -6.96
N PRO A 123 22.76 -0.84 -8.07
CA PRO A 123 21.87 -1.35 -9.11
C PRO A 123 21.03 -2.53 -8.60
N HIS A 124 21.53 -3.23 -7.58
CA HIS A 124 20.74 -4.33 -7.02
C HIS A 124 19.46 -3.78 -6.38
N LEU A 125 19.59 -2.68 -5.63
CA LEU A 125 18.39 -2.09 -5.01
C LEU A 125 17.43 -1.64 -6.10
N CYS A 126 17.96 -0.93 -7.11
CA CYS A 126 17.16 -0.39 -8.18
C CYS A 126 16.43 -1.52 -8.89
N ASP A 127 17.13 -2.64 -9.19
CA ASP A 127 16.48 -3.78 -9.81
C ASP A 127 15.40 -4.36 -8.89
N PHE A 128 15.73 -4.50 -7.60
CA PHE A 128 14.81 -5.07 -6.63
C PHE A 128 13.51 -4.27 -6.60
N LEU A 129 13.62 -2.94 -6.46
CA LEU A 129 12.45 -2.07 -6.46
C LEU A 129 11.68 -2.25 -7.77
N GLU A 130 12.39 -2.21 -8.90
CA GLU A 130 11.76 -2.26 -10.21
C GLU A 130 10.91 -3.52 -10.32
N SER A 131 11.54 -4.66 -9.98
CA SER A 131 11.01 -6.01 -10.15
C SER A 131 9.76 -6.25 -9.30
N HIS A 132 9.78 -5.81 -8.03
CA HIS A 132 8.83 -6.31 -7.05
C HIS A 132 7.85 -5.22 -6.56
N PHE A 133 8.05 -3.95 -6.93
CA PHE A 133 7.32 -2.89 -6.24
C PHE A 133 6.72 -1.87 -7.21
N LEU A 134 7.54 -1.34 -8.13
CA LEU A 134 7.12 -0.20 -8.94
C LEU A 134 5.94 -0.57 -9.83
N ASP A 135 6.00 -1.74 -10.50
CA ASP A 135 4.93 -2.10 -11.41
C ASP A 135 3.66 -2.44 -10.63
N GLU A 136 3.84 -3.10 -9.47
CA GLU A 136 2.72 -3.47 -8.62
C GLU A 136 1.94 -2.23 -8.19
N GLU A 137 2.64 -1.18 -7.76
CA GLU A 137 1.99 0.06 -7.38
C GLU A 137 1.28 0.67 -8.59
N VAL A 138 1.96 0.70 -9.73
CA VAL A 138 1.29 1.32 -10.89
C VAL A 138 -0.02 0.59 -11.22
N LYS A 139 0.00 -0.74 -11.23
CA LYS A 139 -1.17 -1.52 -11.59
C LYS A 139 -2.31 -1.30 -10.59
N LEU A 140 -1.95 -1.23 -9.31
CA LEU A 140 -2.91 -1.06 -8.24
C LEU A 140 -3.56 0.31 -8.34
N ILE A 141 -2.76 1.33 -8.60
CA ILE A 141 -3.28 2.68 -8.64
C ILE A 141 -4.24 2.84 -9.82
N LYS A 142 -3.92 2.18 -10.93
CA LYS A 142 -4.77 2.21 -12.12
C LYS A 142 -6.11 1.56 -11.82
N LYS A 143 -6.07 0.42 -11.13
CA LYS A 143 -7.27 -0.31 -10.77
C LYS A 143 -8.12 0.54 -9.83
N MET A 144 -7.48 1.22 -8.88
CA MET A 144 -8.22 2.07 -7.97
C MET A 144 -8.79 3.27 -8.70
N GLY A 145 -8.04 3.83 -9.66
CA GLY A 145 -8.59 4.93 -10.43
C GLY A 145 -9.80 4.47 -11.23
N ASP A 146 -9.73 3.24 -11.76
CA ASP A 146 -10.83 2.62 -12.49
C ASP A 146 -12.08 2.55 -11.60
N HIS A 147 -11.91 2.00 -10.38
CA HIS A 147 -13.00 1.86 -9.44
C HIS A 147 -13.59 3.22 -9.09
N LEU A 148 -12.72 4.20 -8.84
CA LEU A 148 -13.23 5.51 -8.44
C LEU A 148 -14.13 6.07 -9.54
N THR A 149 -13.70 5.90 -10.79
CA THR A 149 -14.44 6.42 -11.92
C THR A 149 -15.83 5.80 -11.94
N ASN A 150 -15.89 4.49 -11.70
CA ASN A 150 -17.14 3.76 -11.79
C ASN A 150 -18.05 4.09 -10.61
N ILE A 151 -17.46 4.22 -9.42
CA ILE A 151 -18.21 4.67 -8.26
C ILE A 151 -18.82 6.03 -8.56
N GLN A 152 -18.00 6.94 -9.11
CA GLN A 152 -18.48 8.29 -9.32
C GLN A 152 -19.63 8.32 -10.33
N ARG A 153 -19.57 7.50 -11.40
CA ARG A 153 -20.66 7.54 -12.38
C ARG A 153 -21.94 6.96 -11.79
N LEU A 154 -21.84 6.19 -10.71
CA LEU A 154 -22.99 5.52 -10.14
C LEU A 154 -23.69 6.36 -9.08
N VAL A 155 -22.98 7.32 -8.49
CA VAL A 155 -23.55 7.70 -7.21
C VAL A 155 -24.12 9.08 -7.41
N GLY A 156 -25.28 9.06 -8.08
CA GLY A 156 -25.75 10.10 -8.98
C GLY A 156 -26.87 10.89 -8.31
N SER A 157 -28.12 10.48 -8.52
CA SER A 157 -29.22 10.98 -7.72
C SER A 157 -29.62 9.96 -6.66
N GLN A 158 -29.16 8.71 -6.83
CA GLN A 158 -29.48 7.62 -5.93
C GLN A 158 -28.17 6.97 -5.45
N ALA A 159 -27.61 7.54 -4.37
CA ALA A 159 -26.27 7.16 -3.90
C ALA A 159 -26.27 5.74 -3.33
N GLY A 160 -27.25 5.41 -2.48
CA GLY A 160 -27.30 4.09 -1.87
C GLY A 160 -27.39 2.99 -2.94
N LEU A 161 -28.28 3.21 -3.92
CA LEU A 161 -28.44 2.27 -5.04
C LEU A 161 -27.12 2.07 -5.74
N GLY A 162 -26.43 3.16 -6.08
CA GLY A 162 -25.12 3.07 -6.72
C GLY A 162 -24.07 2.31 -5.89
N GLU A 163 -24.01 2.55 -4.58
CA GLU A 163 -23.01 1.92 -3.72
C GLU A 163 -23.25 0.40 -3.66
N TYR A 164 -24.52 0.03 -3.54
CA TYR A 164 -24.90 -1.38 -3.56
C TYR A 164 -24.50 -2.04 -4.89
N LEU A 165 -24.84 -1.40 -6.02
CA LEU A 165 -24.60 -2.03 -7.32
C LEU A 165 -23.10 -2.20 -7.58
N PHE A 166 -22.30 -1.18 -7.20
CA PHE A 166 -20.86 -1.30 -7.40
C PHE A 166 -20.29 -2.50 -6.63
N GLU A 167 -20.69 -2.63 -5.36
CA GLU A 167 -20.19 -3.69 -4.51
C GLU A 167 -20.60 -5.05 -5.09
N ARG A 168 -21.83 -5.11 -5.61
CA ARG A 168 -22.40 -6.37 -6.07
C ARG A 168 -21.80 -6.76 -7.42
N LEU A 169 -21.60 -5.78 -8.32
CA LEU A 169 -21.32 -6.12 -9.72
C LEU A 169 -19.87 -5.90 -10.11
N THR A 170 -19.12 -5.07 -9.35
CA THR A 170 -17.68 -4.94 -9.60
C THR A 170 -16.87 -5.75 -8.61
N LEU A 171 -17.17 -5.64 -7.30
CA LEU A 171 -16.28 -6.18 -6.29
C LEU A 171 -16.64 -7.62 -5.91
N LYS A 172 -15.68 -8.34 -5.31
CA LYS A 172 -15.73 -9.72 -4.79
C LYS A 172 -16.97 -10.49 -5.25
N HIS A 173 -16.82 -11.29 -6.31
CA HIS A 173 -17.88 -12.20 -6.72
C HIS A 173 -17.46 -13.65 -6.50
CD CD B . 7.39 3.15 21.29
CD CD C . 16.76 -1.56 -14.54
CD CD D . 27.15 7.21 3.56
CD CD E . -20.65 -13.81 2.27
CD CD F . -0.70 -12.67 -0.98
CD CD G . -5.67 -13.51 0.36
CD CD H . -20.22 6.53 13.26
AR AR I . -6.72 4.78 3.02
S SO4 J . 31.84 -1.79 -0.29
O1 SO4 J . 32.78 -2.83 -0.63
O2 SO4 J . 30.87 -2.31 0.65
O3 SO4 J . 31.17 -1.32 -1.47
O4 SO4 J . 32.54 -0.68 0.31
S SO4 K . -10.58 -2.72 -13.61
O1 SO4 K . -10.31 -4.11 -13.83
O2 SO4 K . -9.53 -2.15 -12.82
O3 SO4 K . -11.84 -2.58 -12.92
O4 SO4 K . -10.65 -2.04 -14.88
S SO4 L . -12.70 9.53 12.33
O1 SO4 L . -11.52 9.08 12.99
O2 SO4 L . -13.33 8.44 11.67
O3 SO4 L . -12.36 10.54 11.36
O4 SO4 L . -13.61 10.08 13.30
#